data_6YY7
#
_entry.id   6YY7
#
_cell.length_a   47.682
_cell.length_b   64.753
_cell.length_c   48.013
_cell.angle_alpha   90.000
_cell.angle_beta   110.680
_cell.angle_gamma   90.000
#
_symmetry.space_group_name_H-M   'P 1 21 1'
#
loop_
_entity.id
_entity.type
_entity.pdbx_description
1 polymer 'Phosphoribosylaminoimidazole-succinocarboxamide synthase'
2 non-polymer 'ethyl 2-[4-(6-azanyl-5-cyano-pyrimidin-4-yl)pyrazol-1-yl]ethanoate'
3 non-polymer 'SULFATE ION'
4 non-polymer 1,2-ETHANEDIOL
5 water water
#
_entity_poly.entity_id   1
_entity_poly.type   'polypeptide(L)'
_entity_poly.pdbx_seq_one_letter_code
;MSHHHHHHSMRPSLSDYQHVASGKVRELYRVDDEHLLFVATDRISAFDFVLDTPIPDKGRILTAMSVFFFGLLTVPNHLA
GPPDDPRIPEEVLGRALLVRRLDMLPVECVARGYLTGSGLLDYQRTGAVCGHVLPQGLGEASRLDPPLFTPATKADIGEH
DMNVDFAAVVGLVGAVRANQLRDETIKIYTRAAAHALHKGIILADTKFEFGVDIEGNLVLADEVFTPDSSRYWDAAHYQP
GVVQDSFDKQFVRNWLTGPESGWDRASDTPPPPLPDEVAVATRERYIEAYERISGLSFSDWIGPSA
;
_entity_poly.pdbx_strand_id   A
#
# COMPACT_ATOMS: atom_id res chain seq x y z
N MET A 10 -13.02 -2.66 -29.38
CA MET A 10 -11.56 -2.55 -29.38
C MET A 10 -11.07 -1.60 -28.30
N ARG A 11 -10.18 -2.08 -27.46
CA ARG A 11 -9.61 -1.27 -26.38
C ARG A 11 -8.57 -0.30 -26.94
N PRO A 12 -8.47 0.90 -26.35
CA PRO A 12 -7.47 1.86 -26.79
C PRO A 12 -6.07 1.35 -26.48
N SER A 13 -5.08 1.94 -27.12
CA SER A 13 -3.69 1.66 -26.79
C SER A 13 -3.31 2.53 -25.60
N LEU A 14 -2.38 2.06 -24.78
CA LEU A 14 -1.87 2.87 -23.69
C LEU A 14 -1.25 4.16 -24.25
N SER A 15 -0.70 4.07 -25.46
CA SER A 15 -0.08 5.22 -26.11
C SER A 15 -1.08 6.31 -26.47
N ASP A 16 -2.37 6.01 -26.39
CA ASP A 16 -3.42 6.99 -26.64
C ASP A 16 -3.64 7.93 -25.44
N TYR A 17 -3.10 7.55 -24.29
CA TYR A 17 -3.27 8.31 -23.05
C TYR A 17 -1.99 9.05 -22.68
N GLN A 18 -2.12 10.17 -22.00
CA GLN A 18 -0.94 10.95 -21.59
C GLN A 18 -0.42 10.52 -20.22
N HIS A 19 0.83 10.10 -20.18
CA HIS A 19 1.52 9.78 -18.94
CA HIS A 19 1.48 9.77 -18.92
C HIS A 19 1.63 11.03 -18.07
N VAL A 20 1.14 10.99 -16.83
CA VAL A 20 1.19 12.17 -15.99
C VAL A 20 2.00 11.99 -14.71
N ALA A 21 2.24 10.75 -14.32
CA ALA A 21 3.00 10.48 -13.11
C ALA A 21 3.55 9.07 -13.09
N SER A 22 4.75 8.95 -12.54
CA SER A 22 5.38 7.65 -12.31
C SER A 22 5.83 7.54 -10.87
N GLY A 23 5.57 6.39 -10.28
CA GLY A 23 6.07 6.07 -8.96
C GLY A 23 7.07 4.95 -9.10
N LYS A 24 7.46 4.37 -7.97
CA LYS A 24 8.40 3.26 -7.95
C LYS A 24 7.87 2.07 -8.75
N VAL A 25 6.61 1.73 -8.54
CA VAL A 25 6.04 0.55 -9.19
C VAL A 25 4.68 0.82 -9.84
N ARG A 26 4.17 2.02 -9.70
CA ARG A 26 2.90 2.35 -10.35
C ARG A 26 3.03 3.52 -11.32
N GLU A 27 2.07 3.60 -12.23
CA GLU A 27 2.04 4.65 -13.22
C GLU A 27 0.65 5.24 -13.30
N LEU A 28 0.57 6.50 -13.71
CA LEU A 28 -0.70 7.20 -13.80
C LEU A 28 -0.83 7.88 -15.16
N TYR A 29 -1.98 7.70 -15.80
CA TYR A 29 -2.24 8.28 -17.11
C TYR A 29 -3.52 9.09 -17.11
N ARG A 30 -3.54 10.14 -17.90
CA ARG A 30 -4.75 10.91 -18.13
C ARG A 30 -5.62 10.24 -19.19
N VAL A 31 -6.89 10.00 -18.86
CA VAL A 31 -7.81 9.39 -19.81
C VAL A 31 -8.66 10.49 -20.45
N ASP A 32 -9.26 11.33 -19.62
CA ASP A 32 -9.86 12.58 -20.08
C ASP A 32 -9.79 13.58 -18.93
N ASP A 33 -10.54 14.68 -19.04
CA ASP A 33 -10.45 15.76 -18.05
C ASP A 33 -10.85 15.33 -16.64
N GLU A 34 -11.66 14.28 -16.54
CA GLU A 34 -12.14 13.85 -15.24
C GLU A 34 -11.78 12.42 -14.85
N HIS A 35 -10.96 11.75 -15.66
CA HIS A 35 -10.60 10.37 -15.37
C HIS A 35 -9.13 10.08 -15.63
N LEU A 36 -8.59 9.18 -14.81
CA LEU A 36 -7.23 8.70 -14.95
C LEU A 36 -7.22 7.18 -15.07
N LEU A 37 -6.07 6.67 -15.49
CA LEU A 37 -5.82 5.24 -15.54
C LEU A 37 -4.70 4.96 -14.55
N PHE A 38 -5.03 4.14 -13.55
CA PHE A 38 -4.14 3.85 -12.44
C PHE A 38 -3.53 2.46 -12.68
N VAL A 39 -2.23 2.41 -12.97
CA VAL A 39 -1.58 1.21 -13.45
C VAL A 39 -0.56 0.64 -12.47
N ALA A 40 -0.74 -0.62 -12.11
CA ALA A 40 0.24 -1.36 -11.33
C ALA A 40 1.19 -2.10 -12.26
N THR A 41 2.48 -2.05 -11.95
CA THR A 41 3.46 -2.83 -12.70
C THR A 41 3.85 -4.09 -11.91
N ASP A 42 4.71 -4.90 -12.49
CA ASP A 42 5.20 -6.10 -11.83
C ASP A 42 6.48 -5.82 -11.04
N ARG A 43 6.88 -4.56 -10.95
CA ARG A 43 8.07 -4.19 -10.21
C ARG A 43 7.88 -4.40 -8.71
N ILE A 44 8.95 -4.76 -8.03
CA ILE A 44 8.94 -4.93 -6.58
C ILE A 44 10.07 -4.14 -5.95
N SER A 45 9.77 -3.53 -4.81
CA SER A 45 10.73 -2.76 -4.05
C SER A 45 11.15 -3.52 -2.80
N ALA A 46 12.46 -3.54 -2.54
CA ALA A 46 12.98 -4.10 -1.29
C ALA A 46 14.19 -3.27 -0.86
N PHE A 47 14.25 -2.96 0.44
CA PHE A 47 15.32 -2.13 1.00
C PHE A 47 15.45 -0.80 0.25
N ASP A 48 14.31 -0.22 -0.12
CA ASP A 48 14.23 1.07 -0.83
C ASP A 48 14.86 1.04 -2.21
N PHE A 49 15.01 -0.15 -2.77
CA PHE A 49 15.44 -0.30 -4.16
C PHE A 49 14.35 -0.95 -4.97
N VAL A 50 14.04 -0.40 -6.14
CA VAL A 50 13.24 -1.13 -7.11
C VAL A 50 14.17 -2.19 -7.72
N LEU A 51 13.82 -3.46 -7.56
CA LEU A 51 14.69 -4.55 -8.01
C LEU A 51 14.66 -4.75 -9.53
N ASP A 52 15.73 -5.35 -10.05
CA ASP A 52 15.87 -5.57 -11.48
C ASP A 52 14.85 -6.57 -12.01
N THR A 53 14.45 -7.49 -11.14
CA THR A 53 13.61 -8.61 -11.53
C THR A 53 12.15 -8.34 -11.20
N PRO A 54 11.27 -8.36 -12.21
CA PRO A 54 9.83 -8.25 -11.94
C PRO A 54 9.28 -9.53 -11.34
N ILE A 55 8.17 -9.40 -10.61
CA ILE A 55 7.44 -10.54 -10.09
C ILE A 55 6.24 -10.79 -11.00
N PRO A 56 6.22 -11.93 -11.70
CA PRO A 56 5.14 -12.14 -12.67
C PRO A 56 3.75 -12.06 -12.02
N ASP A 57 2.86 -11.32 -12.67
CA ASP A 57 1.48 -11.13 -12.24
C ASP A 57 1.29 -10.28 -10.97
N LYS A 58 2.37 -9.73 -10.43
CA LYS A 58 2.26 -8.92 -9.22
C LYS A 58 1.30 -7.75 -9.42
N GLY A 59 1.41 -7.05 -10.54
CA GLY A 59 0.51 -5.93 -10.80
C GLY A 59 -0.95 -6.35 -10.81
N ARG A 60 -1.24 -7.46 -11.46
CA ARG A 60 -2.61 -7.97 -11.52
C ARG A 60 -3.12 -8.42 -10.15
N ILE A 61 -2.28 -9.13 -9.40
CA ILE A 61 -2.67 -9.59 -8.07
C ILE A 61 -2.95 -8.42 -7.14
N LEU A 62 -2.08 -7.41 -7.15
CA LEU A 62 -2.30 -6.27 -6.25
C LEU A 62 -3.52 -5.45 -6.66
N THR A 63 -3.77 -5.35 -7.96
CA THR A 63 -4.97 -4.67 -8.42
C THR A 63 -6.22 -5.43 -7.96
N ALA A 64 -6.20 -6.75 -8.11
CA ALA A 64 -7.30 -7.58 -7.62
C ALA A 64 -7.53 -7.37 -6.12
N MET A 65 -6.43 -7.33 -5.37
CA MET A 65 -6.51 -7.11 -3.92
CA MET A 65 -6.54 -7.13 -3.93
C MET A 65 -7.16 -5.78 -3.59
N SER A 66 -6.68 -4.73 -4.24
CA SER A 66 -7.20 -3.40 -4.02
C SER A 66 -8.70 -3.32 -4.34
N VAL A 67 -9.09 -3.89 -5.47
CA VAL A 67 -10.49 -3.90 -5.87
C VAL A 67 -11.33 -4.65 -4.84
N PHE A 68 -10.82 -5.78 -4.32
CA PHE A 68 -11.55 -6.49 -3.28
C PHE A 68 -11.80 -5.61 -2.06
N PHE A 69 -10.75 -4.96 -1.57
CA PHE A 69 -10.90 -4.13 -0.38
C PHE A 69 -11.77 -2.90 -0.62
N PHE A 70 -11.68 -2.26 -1.78
CA PHE A 70 -12.58 -1.16 -2.11
C PHE A 70 -14.03 -1.63 -1.97
N GLY A 71 -14.30 -2.85 -2.43
CA GLY A 71 -15.64 -3.40 -2.37
C GLY A 71 -16.09 -3.75 -0.97
N LEU A 72 -15.13 -4.11 -0.12
CA LEU A 72 -15.41 -4.46 1.27
C LEU A 72 -15.76 -3.23 2.09
N LEU A 73 -15.09 -2.11 1.81
CA LEU A 73 -15.30 -0.88 2.55
C LEU A 73 -16.49 -0.10 1.99
N THR A 74 -17.22 0.58 2.86
CA THR A 74 -18.43 1.26 2.42
C THR A 74 -18.17 2.72 2.05
N VAL A 75 -16.94 3.18 2.25
CA VAL A 75 -16.60 4.57 2.00
C VAL A 75 -16.45 4.88 0.50
N PRO A 76 -16.76 6.13 0.11
CA PRO A 76 -16.56 6.54 -1.28
C PRO A 76 -15.12 6.36 -1.72
N ASN A 77 -14.94 5.87 -2.94
CA ASN A 77 -13.60 5.68 -3.48
C ASN A 77 -13.50 6.13 -4.93
N HIS A 78 -12.28 6.15 -5.46
CA HIS A 78 -12.08 6.79 -6.75
C HIS A 78 -12.33 5.90 -7.95
N LEU A 79 -12.76 4.65 -7.74
CA LEU A 79 -13.02 3.75 -8.87
C LEU A 79 -14.14 4.31 -9.71
N ALA A 80 -13.94 4.34 -11.03
CA ALA A 80 -14.90 4.97 -11.93
C ALA A 80 -15.42 4.01 -12.99
N GLY A 81 -15.03 2.74 -12.88
CA GLY A 81 -15.51 1.73 -13.80
C GLY A 81 -15.06 0.36 -13.35
N PRO A 82 -15.58 -0.70 -14.00
CA PRO A 82 -15.24 -2.08 -13.65
C PRO A 82 -13.83 -2.42 -14.11
N PRO A 83 -13.27 -3.53 -13.61
CA PRO A 83 -11.91 -3.92 -14.00
C PRO A 83 -11.77 -4.26 -15.47
N ASP A 84 -12.89 -4.47 -16.18
CA ASP A 84 -12.81 -4.72 -17.62
C ASP A 84 -13.35 -3.56 -18.44
N ASP A 85 -13.46 -2.38 -17.81
CA ASP A 85 -13.90 -1.16 -18.50
C ASP A 85 -13.21 -1.02 -19.86
N PRO A 86 -13.99 -0.76 -20.93
CA PRO A 86 -13.40 -0.70 -22.27
C PRO A 86 -12.34 0.38 -22.43
N ARG A 87 -12.24 1.33 -21.51
CA ARG A 87 -11.22 2.37 -21.60
C ARG A 87 -9.82 1.85 -21.20
N ILE A 88 -9.79 0.64 -20.64
CA ILE A 88 -8.53 0.03 -20.23
C ILE A 88 -7.86 -0.73 -21.37
N PRO A 89 -6.61 -0.36 -21.70
CA PRO A 89 -5.88 -1.04 -22.78
C PRO A 89 -5.65 -2.53 -22.48
N GLU A 90 -5.65 -3.34 -23.53
CA GLU A 90 -5.38 -4.76 -23.41
C GLU A 90 -4.07 -5.04 -22.68
N GLU A 91 -3.05 -4.25 -22.99
CA GLU A 91 -1.72 -4.44 -22.45
C GLU A 91 -1.68 -4.36 -20.91
N VAL A 92 -2.59 -3.58 -20.31
CA VAL A 92 -2.60 -3.48 -18.85
C VAL A 92 -3.86 -4.06 -18.21
N LEU A 93 -4.60 -4.86 -18.97
CA LEU A 93 -5.83 -5.44 -18.47
C LEU A 93 -5.57 -6.29 -17.24
N GLY A 94 -6.30 -6.01 -16.18
CA GLY A 94 -6.13 -6.73 -14.93
C GLY A 94 -5.19 -6.04 -13.95
N ARG A 95 -4.37 -5.11 -14.45
CA ARG A 95 -3.46 -4.38 -13.58
C ARG A 95 -3.65 -2.87 -13.71
N ALA A 96 -4.82 -2.45 -14.21
CA ALA A 96 -5.10 -1.03 -14.36
C ALA A 96 -6.56 -0.77 -14.05
N LEU A 97 -6.81 0.38 -13.42
CA LEU A 97 -8.15 0.78 -13.04
C LEU A 97 -8.47 2.14 -13.59
N LEU A 98 -9.71 2.30 -14.01
CA LEU A 98 -10.23 3.61 -14.45
C LEU A 98 -10.73 4.32 -13.18
N VAL A 99 -10.17 5.47 -12.88
CA VAL A 99 -10.50 6.20 -11.66
C VAL A 99 -10.91 7.64 -11.94
N ARG A 100 -11.67 8.20 -11.01
CA ARG A 100 -12.08 9.61 -11.09
C ARG A 100 -10.92 10.49 -10.68
N ARG A 101 -10.71 11.59 -11.40
CA ARG A 101 -9.70 12.55 -11.00
C ARG A 101 -10.18 13.33 -9.78
N LEU A 102 -9.34 13.36 -8.75
CA LEU A 102 -9.62 14.08 -7.50
C LEU A 102 -8.59 15.18 -7.26
N ASP A 103 -8.94 16.13 -6.41
CA ASP A 103 -7.94 17.04 -5.85
C ASP A 103 -7.35 16.34 -4.64
N MET A 104 -6.12 15.86 -4.79
CA MET A 104 -5.51 15.03 -3.76
C MET A 104 -5.08 15.85 -2.55
N LEU A 105 -5.30 15.29 -1.37
CA LEU A 105 -4.84 15.91 -0.14
C LEU A 105 -3.42 15.44 0.17
N PRO A 106 -2.53 16.38 0.50
CA PRO A 106 -1.09 16.12 0.64
C PRO A 106 -0.72 15.51 1.98
N VAL A 107 -1.39 14.44 2.33
CA VAL A 107 -1.14 13.73 3.59
C VAL A 107 -1.10 12.23 3.35
N GLU A 108 0.00 11.58 3.76
CA GLU A 108 0.00 10.13 3.78
C GLU A 108 -0.71 9.67 5.05
N CYS A 109 -1.90 9.09 4.87
CA CYS A 109 -2.74 8.71 6.00
C CYS A 109 -2.42 7.29 6.43
N VAL A 110 -1.62 7.17 7.48
CA VAL A 110 -1.16 5.86 7.94
C VAL A 110 -1.87 5.48 9.23
N ALA A 111 -2.32 4.23 9.30
CA ALA A 111 -2.81 3.64 10.54
C ALA A 111 -1.86 2.54 10.96
N ARG A 112 -1.56 2.46 12.25
CA ARG A 112 -0.71 1.40 12.78
C ARG A 112 -1.44 0.62 13.85
N GLY A 113 -1.65 -0.66 13.64
CA GLY A 113 -2.21 -1.52 14.66
C GLY A 113 -1.14 -2.17 15.51
N TYR A 114 0.09 -2.12 15.00
CA TYR A 114 1.24 -2.76 15.64
C TYR A 114 2.43 -1.84 15.47
N LEU A 115 3.38 -1.92 16.39
CA LEU A 115 4.48 -0.97 16.45
C LEU A 115 5.71 -1.53 15.75
N THR A 116 6.06 -1.00 14.58
CA THR A 116 7.23 -1.46 13.85
C THR A 116 7.73 -0.31 12.96
N GLY A 117 8.83 -0.52 12.26
CA GLY A 117 9.31 0.46 11.31
C GLY A 117 9.57 1.82 11.93
N SER A 118 9.20 2.88 11.23
CA SER A 118 9.51 4.22 11.71
C SER A 118 8.67 4.57 12.95
N GLY A 119 7.51 3.94 13.10
CA GLY A 119 6.72 4.14 14.30
C GLY A 119 7.46 3.63 15.53
N LEU A 120 7.99 2.42 15.46
CA LEU A 120 8.78 1.88 16.55
C LEU A 120 9.99 2.76 16.82
N LEU A 121 10.68 3.16 15.76
CA LEU A 121 11.90 3.95 15.93
C LEU A 121 11.61 5.29 16.61
N ASP A 122 10.56 5.98 16.17
CA ASP A 122 10.18 7.25 16.80
C ASP A 122 9.89 7.00 18.29
N TYR A 123 9.17 5.94 18.59
CA TYR A 123 8.88 5.58 19.97
C TYR A 123 10.15 5.31 20.78
N GLN A 124 11.08 4.58 20.18
CA GLN A 124 12.30 4.26 20.90
C GLN A 124 13.18 5.48 21.14
N ARG A 125 13.07 6.47 20.25
CA ARG A 125 13.83 7.70 20.40
C ARG A 125 13.19 8.69 21.38
N THR A 126 11.86 8.75 21.40
CA THR A 126 11.15 9.85 22.06
C THR A 126 10.03 9.44 23.00
N GLY A 127 9.59 8.20 22.91
CA GLY A 127 8.46 7.75 23.70
C GLY A 127 7.12 8.08 23.05
N ALA A 128 7.19 8.73 21.89
CA ALA A 128 5.99 9.16 21.17
C ALA A 128 6.08 8.86 19.69
N VAL A 129 4.93 8.79 19.04
CA VAL A 129 4.85 8.63 17.59
C VAL A 129 3.80 9.59 17.06
N CYS A 130 4.21 10.50 16.18
CA CYS A 130 3.30 11.45 15.55
C CYS A 130 2.41 12.16 16.56
N GLY A 131 3.00 12.53 17.70
CA GLY A 131 2.29 13.26 18.73
C GLY A 131 1.57 12.42 19.75
N HIS A 132 1.56 11.10 19.55
CA HIS A 132 0.95 10.18 20.51
C HIS A 132 1.97 9.68 21.50
N VAL A 133 1.81 10.05 22.76
CA VAL A 133 2.66 9.55 23.83
C VAL A 133 2.15 8.19 24.26
N LEU A 134 2.99 7.17 24.08
CA LEU A 134 2.56 5.79 24.27
C LEU A 134 2.97 5.23 25.64
N PRO A 135 2.36 4.12 26.07
CA PRO A 135 2.80 3.47 27.29
C PRO A 135 4.28 3.07 27.23
N GLN A 136 4.94 3.02 28.38
CA GLN A 136 6.29 2.48 28.44
C GLN A 136 6.23 0.97 28.23
N GLY A 137 7.36 0.41 27.78
CA GLY A 137 7.50 -1.04 27.73
C GLY A 137 7.11 -1.71 26.43
N LEU A 138 6.77 -0.92 25.41
CA LEU A 138 6.45 -1.49 24.10
C LEU A 138 7.72 -1.81 23.34
N GLY A 139 7.59 -2.66 22.33
CA GLY A 139 8.73 -3.01 21.52
C GLY A 139 8.32 -3.48 20.14
N GLU A 140 9.26 -4.11 19.45
CA GLU A 140 9.03 -4.59 18.10
C GLU A 140 7.78 -5.46 18.00
N ALA A 141 6.89 -5.06 17.09
CA ALA A 141 5.65 -5.78 16.78
C ALA A 141 4.65 -5.81 17.94
N SER A 142 4.83 -4.92 18.92
CA SER A 142 3.81 -4.77 19.96
C SER A 142 2.46 -4.39 19.37
N ARG A 143 1.40 -4.99 19.90
CA ARG A 143 0.05 -4.59 19.53
C ARG A 143 -0.25 -3.18 20.07
N LEU A 144 -0.85 -2.35 19.23
CA LEU A 144 -1.34 -1.04 19.65
C LEU A 144 -2.87 -1.10 19.73
N ASP A 145 -3.44 -0.61 20.82
CA ASP A 145 -4.89 -0.55 20.94
C ASP A 145 -5.25 0.73 21.69
N PRO A 146 -6.00 1.63 21.04
CA PRO A 146 -6.53 1.56 19.68
C PRO A 146 -5.43 1.72 18.62
N PRO A 147 -5.76 1.46 17.36
CA PRO A 147 -4.77 1.73 16.32
C PRO A 147 -4.42 3.22 16.32
N LEU A 148 -3.18 3.53 15.93
CA LEU A 148 -2.70 4.91 15.90
C LEU A 148 -2.79 5.54 14.51
N PHE A 149 -3.24 6.78 14.47
CA PHE A 149 -3.14 7.58 13.26
C PHE A 149 -1.75 8.22 13.26
N THR A 150 -0.91 7.80 12.32
CA THR A 150 0.47 8.26 12.27
C THR A 150 0.76 8.86 10.90
N PRO A 151 0.28 10.08 10.67
CA PRO A 151 0.39 10.69 9.34
C PRO A 151 1.82 11.02 8.96
N ALA A 152 2.05 11.11 7.65
CA ALA A 152 3.37 11.43 7.13
C ALA A 152 3.23 12.34 5.91
N THR A 153 4.32 13.01 5.54
CA THR A 153 4.35 13.79 4.31
C THR A 153 5.47 13.27 3.41
N LYS A 154 5.29 13.40 2.10
CA LYS A 154 6.34 12.99 1.17
C LYS A 154 7.51 13.97 1.21
N ALA A 155 8.73 13.44 1.15
CA ALA A 155 9.91 14.27 1.11
C ALA A 155 10.45 14.32 -0.32
N ASP A 156 11.74 14.61 -0.46
CA ASP A 156 12.36 14.70 -1.78
C ASP A 156 12.42 13.34 -2.46
N ILE A 157 12.89 13.34 -3.71
CA ILE A 157 13.01 12.10 -4.49
C ILE A 157 13.79 11.03 -3.73
N GLY A 158 14.77 11.45 -2.95
CA GLY A 158 15.60 10.51 -2.21
C GLY A 158 14.99 10.02 -0.91
N GLU A 159 14.66 10.95 -0.01
CA GLU A 159 14.28 10.62 1.36
C GLU A 159 13.01 9.78 1.50
N HIS A 160 12.86 9.17 2.68
CA HIS A 160 11.63 8.48 3.02
C HIS A 160 10.59 9.51 3.45
N ASP A 161 9.33 9.09 3.57
CA ASP A 161 8.30 9.98 4.08
C ASP A 161 8.65 10.47 5.48
N MET A 162 8.21 11.67 5.82
CA MET A 162 8.49 12.27 7.13
C MET A 162 7.27 12.15 8.04
N ASN A 163 7.44 11.50 9.19
CA ASN A 163 6.35 11.41 10.15
C ASN A 163 6.03 12.78 10.75
N VAL A 164 4.73 13.11 10.80
CA VAL A 164 4.29 14.38 11.35
C VAL A 164 3.18 14.17 12.37
N ASP A 165 2.89 15.18 13.18
CA ASP A 165 1.82 15.03 14.16
C ASP A 165 0.50 15.58 13.64
N PHE A 166 -0.53 15.53 14.47
CA PHE A 166 -1.84 15.94 14.04
C PHE A 166 -1.89 17.43 13.69
N ALA A 167 -1.18 18.25 14.46
CA ALA A 167 -1.12 19.69 14.16
C ALA A 167 -0.61 19.93 12.74
N ALA A 168 0.38 19.14 12.31
CA ALA A 168 0.86 19.27 10.94
C ALA A 168 -0.24 18.95 9.93
N VAL A 169 -1.06 17.93 10.22
CA VAL A 169 -2.15 17.60 9.31
C VAL A 169 -3.16 18.75 9.26
N VAL A 170 -3.50 19.32 10.42
CA VAL A 170 -4.37 20.49 10.47
C VAL A 170 -3.83 21.61 9.58
N GLY A 171 -2.52 21.88 9.68
CA GLY A 171 -1.91 22.93 8.88
C GLY A 171 -1.90 22.65 7.39
N LEU A 172 -1.98 21.37 7.03
CA LEU A 172 -2.00 20.98 5.64
C LEU A 172 -3.38 21.04 5.00
N VAL A 173 -4.43 20.67 5.75
CA VAL A 173 -5.73 20.44 5.12
C VAL A 173 -6.93 21.12 5.80
N GLY A 174 -6.72 21.72 6.97
CA GLY A 174 -7.83 22.30 7.72
C GLY A 174 -8.15 21.48 8.95
N ALA A 175 -8.67 22.13 9.99
CA ALA A 175 -8.95 21.46 11.26
C ALA A 175 -10.03 20.39 11.15
N VAL A 176 -11.16 20.73 10.54
CA VAL A 176 -12.25 19.79 10.38
C VAL A 176 -11.84 18.65 9.44
N ARG A 177 -11.17 18.96 8.33
CA ARG A 177 -10.71 17.93 7.41
C ARG A 177 -9.69 16.99 8.07
N ALA A 178 -8.80 17.54 8.89
CA ALA A 178 -7.83 16.70 9.60
C ALA A 178 -8.55 15.69 10.51
N ASN A 179 -9.59 16.12 11.21
CA ASN A 179 -10.36 15.20 12.04
C ASN A 179 -10.96 14.10 11.19
N GLN A 180 -11.48 14.50 10.04
CA GLN A 180 -12.10 13.53 9.14
C GLN A 180 -11.09 12.50 8.63
N LEU A 181 -9.90 12.96 8.24
CA LEU A 181 -8.86 12.03 7.77
C LEU A 181 -8.50 11.05 8.86
N ARG A 182 -8.32 11.55 10.08
CA ARG A 182 -7.98 10.69 11.20
CA ARG A 182 -7.96 10.68 11.20
C ARG A 182 -9.04 9.64 11.44
N ASP A 183 -10.28 10.09 11.54
CA ASP A 183 -11.36 9.18 11.88
C ASP A 183 -11.61 8.15 10.79
N GLU A 184 -11.59 8.56 9.54
CA GLU A 184 -11.83 7.64 8.45
CA GLU A 184 -11.84 7.61 8.46
C GLU A 184 -10.68 6.62 8.33
N THR A 185 -9.45 7.10 8.49
CA THR A 185 -8.28 6.24 8.39
C THR A 185 -8.36 5.13 9.44
N ILE A 186 -8.67 5.48 10.68
CA ILE A 186 -8.73 4.47 11.72
C ILE A 186 -9.92 3.53 11.51
N LYS A 187 -11.08 4.07 11.12
CA LYS A 187 -12.26 3.25 10.88
C LYS A 187 -12.03 2.21 9.79
N ILE A 188 -11.50 2.63 8.65
CA ILE A 188 -11.37 1.66 7.57
CA ILE A 188 -11.25 1.77 7.50
C ILE A 188 -10.20 0.71 7.84
N TYR A 189 -9.13 1.16 8.47
CA TYR A 189 -8.09 0.22 8.90
C TYR A 189 -8.66 -0.86 9.81
N THR A 190 -9.45 -0.44 10.79
CA THR A 190 -10.00 -1.39 11.76
C THR A 190 -10.83 -2.47 11.07
N ARG A 191 -11.67 -2.04 10.13
CA ARG A 191 -12.52 -2.96 9.41
C ARG A 191 -11.70 -3.97 8.60
N ALA A 192 -10.76 -3.46 7.82
CA ALA A 192 -9.95 -4.33 6.97
C ALA A 192 -9.08 -5.26 7.79
N ALA A 193 -8.52 -4.74 8.89
CA ALA A 193 -7.61 -5.54 9.72
C ALA A 193 -8.36 -6.71 10.35
N ALA A 194 -9.57 -6.47 10.81
CA ALA A 194 -10.36 -7.53 11.43
C ALA A 194 -10.70 -8.59 10.37
N HIS A 195 -11.04 -8.14 9.17
CA HIS A 195 -11.35 -9.07 8.08
C HIS A 195 -10.16 -9.96 7.77
N ALA A 196 -9.00 -9.34 7.60
CA ALA A 196 -7.80 -10.07 7.26
C ALA A 196 -7.41 -11.05 8.36
N LEU A 197 -7.49 -10.62 9.61
CA LEU A 197 -7.09 -11.46 10.73
C LEU A 197 -7.95 -12.70 10.85
N HIS A 198 -9.23 -12.51 10.56
CA HIS A 198 -10.21 -13.62 10.54
C HIS A 198 -9.80 -14.63 9.45
N LYS A 199 -9.05 -14.17 8.44
CA LYS A 199 -8.60 -15.06 7.37
C LYS A 199 -7.16 -15.53 7.58
N GLY A 200 -6.58 -15.16 8.72
CA GLY A 200 -5.24 -15.61 9.06
C GLY A 200 -4.09 -14.68 8.71
N ILE A 201 -4.40 -13.44 8.31
CA ILE A 201 -3.38 -12.47 7.95
C ILE A 201 -3.52 -11.24 8.84
N ILE A 202 -2.43 -10.80 9.45
CA ILE A 202 -2.44 -9.52 10.15
C ILE A 202 -2.05 -8.42 9.18
N LEU A 203 -2.88 -7.39 9.09
CA LEU A 203 -2.49 -6.14 8.46
C LEU A 203 -1.92 -5.27 9.56
N ALA A 204 -0.60 -5.20 9.66
CA ALA A 204 0.04 -4.56 10.81
C ALA A 204 -0.15 -3.05 10.78
N ASP A 205 -0.17 -2.50 9.57
CA ASP A 205 -0.32 -1.08 9.35
C ASP A 205 -0.74 -0.87 7.91
N THR A 206 -1.07 0.36 7.54
CA THR A 206 -1.48 0.63 6.17
C THR A 206 -1.36 2.11 5.87
N LYS A 207 -1.22 2.44 4.59
CA LYS A 207 -1.08 3.83 4.14
C LYS A 207 -2.12 4.12 3.08
N PHE A 208 -2.90 5.19 3.31
CA PHE A 208 -3.94 5.69 2.41
C PHE A 208 -3.58 7.05 1.85
N GLU A 209 -4.05 7.32 0.64
CA GLU A 209 -4.18 8.69 0.17
C GLU A 209 -5.63 8.98 -0.14
N PHE A 210 -6.07 10.18 0.22
CA PHE A 210 -7.41 10.65 -0.06
C PHE A 210 -7.39 11.85 -0.98
N GLY A 211 -8.47 12.04 -1.69
CA GLY A 211 -8.68 13.26 -2.46
C GLY A 211 -10.07 13.78 -2.23
N VAL A 212 -10.34 14.95 -2.80
CA VAL A 212 -11.68 15.52 -2.70
CA VAL A 212 -11.65 15.58 -2.69
C VAL A 212 -12.29 15.70 -4.08
N ASP A 213 -13.58 15.41 -4.19
CA ASP A 213 -14.25 15.55 -5.48
C ASP A 213 -14.82 16.96 -5.62
N ILE A 214 -15.56 17.19 -6.71
CA ILE A 214 -16.11 18.52 -6.99
C ILE A 214 -16.99 19.05 -5.87
N GLU A 215 -17.67 18.15 -5.16
CA GLU A 215 -18.63 18.55 -4.13
C GLU A 215 -17.98 18.75 -2.76
N GLY A 216 -16.68 18.48 -2.67
CA GLY A 216 -16.00 18.64 -1.40
C GLY A 216 -15.96 17.35 -0.61
N ASN A 217 -16.51 16.29 -1.20
CA ASN A 217 -16.56 14.99 -0.55
C ASN A 217 -15.20 14.32 -0.48
N LEU A 218 -14.90 13.71 0.66
CA LEU A 218 -13.67 12.95 0.85
C LEU A 218 -13.76 11.59 0.17
N VAL A 219 -12.77 11.29 -0.65
CA VAL A 219 -12.77 10.07 -1.45
C VAL A 219 -11.47 9.30 -1.29
N LEU A 220 -11.58 8.03 -0.93
CA LEU A 220 -10.42 7.15 -0.81
C LEU A 220 -9.83 6.83 -2.19
N ALA A 221 -8.52 7.01 -2.34
CA ALA A 221 -7.92 6.88 -3.66
C ALA A 221 -6.73 5.92 -3.64
N ASP A 222 -5.82 6.10 -4.59
CA ASP A 222 -4.61 5.30 -4.69
C ASP A 222 -4.95 3.80 -4.66
N GLU A 223 -4.20 3.03 -3.90
CA GLU A 223 -4.51 1.61 -3.72
C GLU A 223 -4.72 1.36 -2.25
N VAL A 224 -5.50 0.34 -1.94
CA VAL A 224 -5.82 0.10 -0.56
C VAL A 224 -5.53 -1.34 -0.17
N PHE A 225 -4.81 -1.45 0.95
CA PHE A 225 -4.54 -2.72 1.60
C PHE A 225 -3.85 -3.73 0.67
N THR A 226 -2.92 -3.24 -0.14
CA THR A 226 -2.02 -4.15 -0.83
C THR A 226 -0.81 -4.43 0.05
N PRO A 227 -0.04 -5.47 -0.28
CA PRO A 227 1.17 -5.70 0.53
C PRO A 227 2.26 -4.66 0.27
N ASP A 228 2.06 -3.77 -0.71
CA ASP A 228 2.97 -2.64 -0.90
C ASP A 228 2.57 -1.44 -0.04
N SER A 229 1.26 -1.31 0.22
CA SER A 229 0.75 -0.19 1.01
C SER A 229 0.57 -0.54 2.49
N SER A 230 0.76 -1.81 2.83
CA SER A 230 0.46 -2.35 4.14
C SER A 230 1.46 -3.45 4.48
N ARG A 231 1.84 -3.60 5.74
CA ARG A 231 2.62 -4.76 6.15
C ARG A 231 1.70 -5.96 6.38
N TYR A 232 1.81 -6.95 5.50
CA TYR A 232 1.15 -8.24 5.68
C TYR A 232 2.00 -9.18 6.52
N TRP A 233 1.41 -9.73 7.57
CA TRP A 233 2.06 -10.73 8.41
C TRP A 233 1.22 -12.01 8.46
N ASP A 234 1.88 -13.15 8.62
CA ASP A 234 1.17 -14.39 8.90
C ASP A 234 0.72 -14.42 10.36
N ALA A 235 -0.59 -14.40 10.58
CA ALA A 235 -1.10 -14.38 11.95
C ALA A 235 -0.67 -15.62 12.76
N ALA A 236 -0.56 -16.76 12.10
CA ALA A 236 -0.22 -18.02 12.78
C ALA A 236 1.19 -18.00 13.36
N HIS A 237 2.02 -17.05 12.92
CA HIS A 237 3.38 -16.91 13.43
C HIS A 237 3.63 -15.59 14.13
N TYR A 238 2.56 -14.88 14.47
CA TYR A 238 2.73 -13.61 15.16
C TYR A 238 3.38 -13.84 16.53
N GLN A 239 4.51 -13.19 16.74
CA GLN A 239 5.27 -13.32 17.96
C GLN A 239 5.81 -11.94 18.35
N PRO A 240 5.10 -11.24 19.26
CA PRO A 240 5.57 -9.92 19.68
C PRO A 240 6.99 -9.99 20.23
N GLY A 241 7.80 -8.99 19.91
CA GLY A 241 9.13 -8.89 20.44
C GLY A 241 10.23 -9.16 19.44
N VAL A 242 9.87 -9.74 18.30
CA VAL A 242 10.85 -9.95 17.23
C VAL A 242 10.27 -9.39 15.93
N VAL A 243 11.13 -9.22 14.93
CA VAL A 243 10.68 -8.70 13.64
C VAL A 243 9.86 -9.77 12.92
N GLN A 244 8.64 -9.44 12.53
CA GLN A 244 7.80 -10.40 11.82
C GLN A 244 8.23 -10.54 10.38
N ASP A 245 8.18 -11.75 9.84
CA ASP A 245 8.41 -11.97 8.42
C ASP A 245 7.41 -11.20 7.57
N SER A 246 7.89 -10.63 6.46
CA SER A 246 7.00 -10.07 5.46
C SER A 246 6.30 -11.21 4.76
N PHE A 247 4.97 -11.23 4.76
CA PHE A 247 4.24 -12.34 4.15
C PHE A 247 4.66 -12.49 2.69
N ASP A 248 4.74 -11.38 1.97
CA ASP A 248 5.02 -11.41 0.54
C ASP A 248 6.50 -11.32 0.19
N LYS A 249 7.30 -10.56 0.96
CA LYS A 249 8.64 -10.21 0.51
C LYS A 249 9.78 -10.92 1.24
N GLN A 250 9.47 -11.81 2.17
CA GLN A 250 10.57 -12.36 2.98
C GLN A 250 11.56 -13.22 2.18
N PHE A 251 11.08 -13.95 1.17
CA PHE A 251 11.99 -14.73 0.32
C PHE A 251 12.99 -13.80 -0.38
N VAL A 252 12.47 -12.72 -0.94
CA VAL A 252 13.30 -11.72 -1.59
C VAL A 252 14.32 -11.15 -0.61
N ARG A 253 13.84 -10.78 0.57
CA ARG A 253 14.72 -10.19 1.57
C ARG A 253 15.81 -11.16 2.00
N ASN A 254 15.41 -12.40 2.25
CA ASN A 254 16.36 -13.41 2.72
C ASN A 254 17.42 -13.73 1.68
N TRP A 255 17.02 -13.81 0.41
CA TRP A 255 17.99 -14.12 -0.62
C TRP A 255 18.98 -12.97 -0.82
N LEU A 256 18.47 -11.74 -0.89
CA LEU A 256 19.32 -10.58 -1.11
C LEU A 256 20.36 -10.40 -0.01
N THR A 257 20.00 -10.75 1.23
CA THR A 257 20.90 -10.57 2.36
C THR A 257 21.57 -11.88 2.76
N GLY A 258 21.36 -12.91 1.95
CA GLY A 258 21.95 -14.21 2.22
C GLY A 258 23.30 -14.38 1.54
N PRO A 259 23.86 -15.58 1.60
CA PRO A 259 25.21 -15.88 1.10
C PRO A 259 25.31 -16.01 -0.42
N GLU A 260 24.18 -16.10 -1.12
CA GLU A 260 24.17 -16.38 -2.56
C GLU A 260 24.11 -15.14 -3.45
N SER A 261 23.67 -14.02 -2.90
CA SER A 261 23.43 -12.83 -3.72
C SER A 261 24.72 -12.11 -4.10
N GLY A 262 25.70 -12.16 -3.21
CA GLY A 262 26.95 -11.43 -3.40
C GLY A 262 26.77 -9.95 -3.14
N TRP A 263 25.68 -9.60 -2.48
CA TRP A 263 25.34 -8.20 -2.24
C TRP A 263 25.46 -7.84 -0.76
N ASP A 264 26.11 -6.72 -0.48
CA ASP A 264 26.16 -6.17 0.88
C ASP A 264 25.13 -5.05 0.99
N ARG A 265 24.17 -5.21 1.89
CA ARG A 265 23.08 -4.25 2.03
C ARG A 265 23.58 -2.89 2.53
N ALA A 266 24.65 -2.90 3.32
CA ALA A 266 25.21 -1.68 3.88
C ALA A 266 26.04 -0.90 2.87
N SER A 267 26.07 -1.40 1.63
CA SER A 267 26.83 -0.74 0.58
C SER A 267 26.01 0.35 -0.09
N ASP A 268 24.69 0.22 0.00
CA ASP A 268 23.73 1.10 -0.69
C ASP A 268 23.95 1.09 -2.21
N THR A 269 24.70 0.11 -2.69
CA THR A 269 24.81 -0.14 -4.11
C THR A 269 23.55 -0.88 -4.54
N PRO A 270 23.06 -0.62 -5.76
CA PRO A 270 21.87 -1.31 -6.24
C PRO A 270 22.04 -2.83 -6.19
N PRO A 271 21.04 -3.53 -5.65
CA PRO A 271 21.09 -4.99 -5.49
C PRO A 271 21.05 -5.72 -6.83
N PRO A 272 21.52 -6.96 -6.86
CA PRO A 272 21.55 -7.77 -8.08
C PRO A 272 20.18 -8.33 -8.42
N PRO A 273 19.99 -8.85 -9.64
CA PRO A 273 18.72 -9.49 -9.99
C PRO A 273 18.43 -10.71 -9.13
N LEU A 274 17.15 -11.05 -9.03
CA LEU A 274 16.70 -12.20 -8.25
C LEU A 274 16.72 -13.50 -9.04
N PRO A 275 16.95 -14.63 -8.37
CA PRO A 275 16.73 -15.91 -9.03
C PRO A 275 15.28 -16.05 -9.51
N ASP A 276 15.10 -16.63 -10.68
CA ASP A 276 13.76 -16.89 -11.21
C ASP A 276 12.89 -17.60 -10.19
N GLU A 277 13.45 -18.58 -9.49
CA GLU A 277 12.61 -19.33 -8.56
C GLU A 277 12.21 -18.50 -7.34
N VAL A 278 13.01 -17.50 -6.98
CA VAL A 278 12.58 -16.60 -5.90
C VAL A 278 11.42 -15.73 -6.40
N ALA A 279 11.47 -15.30 -7.65
CA ALA A 279 10.40 -14.49 -8.23
C ALA A 279 9.09 -15.30 -8.32
N VAL A 280 9.20 -16.55 -8.72
CA VAL A 280 8.03 -17.42 -8.84
C VAL A 280 7.43 -17.73 -7.47
N ALA A 281 8.30 -17.98 -6.49
CA ALA A 281 7.85 -18.24 -5.12
C ALA A 281 7.13 -17.01 -4.54
N THR A 282 7.62 -15.84 -4.90
CA THR A 282 7.04 -14.58 -4.43
C THR A 282 5.66 -14.37 -5.05
N ARG A 283 5.54 -14.68 -6.33
CA ARG A 283 4.23 -14.66 -7.00
C ARG A 283 3.24 -15.55 -6.25
N GLU A 284 3.68 -16.74 -5.88
CA GLU A 284 2.83 -17.67 -5.14
C GLU A 284 2.37 -17.08 -3.80
N ARG A 285 3.26 -16.38 -3.10
CA ARG A 285 2.87 -15.73 -1.86
C ARG A 285 1.81 -14.67 -2.09
N TYR A 286 1.95 -13.88 -3.16
CA TYR A 286 0.93 -12.88 -3.46
C TYR A 286 -0.43 -13.54 -3.73
N ILE A 287 -0.42 -14.60 -4.53
CA ILE A 287 -1.66 -15.29 -4.84
C ILE A 287 -2.30 -15.86 -3.58
N GLU A 288 -1.50 -16.48 -2.73
CA GLU A 288 -2.02 -17.02 -1.48
C GLU A 288 -2.64 -15.93 -0.61
N ALA A 289 -1.97 -14.80 -0.48
CA ALA A 289 -2.53 -13.69 0.31
C ALA A 289 -3.85 -13.23 -0.26
N TYR A 290 -3.89 -13.02 -1.58
CA TYR A 290 -5.11 -12.58 -2.23
C TYR A 290 -6.27 -13.55 -2.03
N GLU A 291 -6.03 -14.83 -2.27
CA GLU A 291 -7.10 -15.82 -2.21
C GLU A 291 -7.58 -16.02 -0.78
N ARG A 292 -6.66 -15.97 0.18
CA ARG A 292 -7.06 -16.11 1.57
C ARG A 292 -7.91 -14.94 2.01
N ILE A 293 -7.52 -13.73 1.65
CA ILE A 293 -8.27 -12.55 2.07
C ILE A 293 -9.60 -12.38 1.32
N SER A 294 -9.59 -12.58 0.02
CA SER A 294 -10.78 -12.30 -0.80
C SER A 294 -11.80 -13.44 -0.83
N GLY A 295 -11.32 -14.67 -0.64
CA GLY A 295 -12.19 -15.83 -0.78
C GLY A 295 -12.46 -16.13 -2.25
N LEU A 296 -11.74 -15.42 -3.12
CA LEU A 296 -11.86 -15.56 -4.56
C LEU A 296 -10.65 -16.31 -5.14
N SER A 297 -10.77 -16.79 -6.37
CA SER A 297 -9.64 -17.42 -7.04
C SER A 297 -8.98 -16.46 -8.01
N PHE A 298 -7.66 -16.35 -7.93
CA PHE A 298 -6.95 -15.45 -8.84
C PHE A 298 -7.04 -15.91 -10.29
N SER A 299 -7.30 -17.19 -10.50
CA SER A 299 -7.46 -17.72 -11.85
C SER A 299 -8.68 -17.11 -12.55
N ASP A 300 -9.58 -16.49 -11.77
CA ASP A 300 -10.75 -15.84 -12.33
C ASP A 300 -10.54 -14.35 -12.58
N TRP A 301 -9.40 -13.83 -12.15
CA TRP A 301 -9.10 -12.41 -12.33
C TRP A 301 -8.70 -12.14 -13.77
N ILE A 302 -9.22 -11.04 -14.34
CA ILE A 302 -9.02 -10.75 -15.75
C ILE A 302 -7.54 -10.48 -16.07
N GLY A 303 -7.18 -10.69 -17.34
CA GLY A 303 -5.84 -10.41 -17.83
C GLY A 303 -5.85 -10.31 -19.34
N PRO A 304 -4.68 -10.02 -19.94
CA PRO A 304 -4.56 -10.00 -21.40
C PRO A 304 -4.67 -11.40 -22.00
#